data_4B4V
#
_entry.id   4B4V
#
_cell.length_a   55.178
_cell.length_b   80.520
_cell.length_c   68.523
_cell.angle_alpha   90.00
_cell.angle_beta   106.97
_cell.angle_gamma   90.00
#
_symmetry.space_group_name_H-M   'P 1 21 1'
#
loop_
_entity.id
_entity.type
_entity.pdbx_description
1 polymer 'BIFUNCTIONAL PROTEIN FOLD'
2 non-polymer 'NADP NICOTINAMIDE-ADENINE-DINUCLEOTIDE PHOSPHATE'
3 non-polymer GLYCEROL
4 non-polymer 'CHLORIDE ION'
5 non-polymer '4-(7-AMINO-9-HYDROXY-1-OXO-3,3A,4,5-TETRAHYDRO-2,5,6,8,9B-PENTAAZA-CYCLOPENTA[A]NAPHTHALEN-2-YL)-PHENYLCARBONYL-GLUTAMI C ACID'
6 water water
#
_entity_poly.entity_id   1
_entity_poly.type   'polypeptide(L)'
_entity_poly.pdbx_seq_one_letter_code
;MGSSHHHHHHSSGENLYFQGHMALVLDGRALAKQIEENLLVRVEALKAKTGRTPILATILVGDDGASATYVRMKGNACRR
VGMDSLKIELPQETTTEQLLAEIEKLNANPDVHGILLQHPVPAQIDERACFDAISLAKDVDGVTCLGFGRMAMGEAAYGS
ATPAGIMTILKENNIEIAGKHAVVVGRSAILGKPMAMMLLQANATVTICHSRTQNLPELVKQADIIVGAVGKAELIQKDW
IKQGAVVVDAGFHPRDGGGVGDIQLQGIEEIASAYTPVPGGVGPMTITTLIRQTVEAAEKALG
;
_entity_poly.pdbx_strand_id   A,B
#
# COMPACT_ATOMS: atom_id res chain seq x y z
N MET A 22 8.47 33.01 12.45
CA MET A 22 9.70 32.52 11.75
C MET A 22 9.33 31.53 10.65
N ALA A 23 8.26 30.78 10.86
CA ALA A 23 7.87 29.70 9.97
C ALA A 23 7.55 30.18 8.56
N LEU A 24 7.88 29.35 7.56
CA LEU A 24 7.43 29.58 6.19
C LEU A 24 5.98 29.12 6.10
N VAL A 25 5.10 30.02 5.68
CA VAL A 25 3.72 29.65 5.43
C VAL A 25 3.68 28.90 4.10
N LEU A 26 3.22 27.65 4.15
CA LEU A 26 3.06 26.85 2.94
C LEU A 26 1.74 27.23 2.28
N ASP A 27 1.83 28.16 1.32
CA ASP A 27 0.65 28.81 0.76
C ASP A 27 0.03 27.96 -0.34
N GLY A 28 -0.91 27.10 0.04
CA GLY A 28 -1.64 26.29 -0.92
C GLY A 28 -2.54 27.09 -1.84
N ARG A 29 -3.16 28.15 -1.31
CA ARG A 29 -4.03 29.00 -2.12
C ARG A 29 -3.25 29.64 -3.28
N ALA A 30 -2.10 30.23 -2.97
CA ALA A 30 -1.25 30.85 -3.98
C ALA A 30 -0.72 29.84 -5.00
N LEU A 31 -0.37 28.64 -4.53
CA LEU A 31 0.16 27.60 -5.40
C LEU A 31 -0.91 27.06 -6.36
N ALA A 32 -2.12 26.86 -5.83
CA ALA A 32 -3.26 26.41 -6.62
C ALA A 32 -3.55 27.39 -7.77
N LYS A 33 -3.57 28.68 -7.46
CA LYS A 33 -3.77 29.72 -8.47
C LYS A 33 -2.67 29.68 -9.52
N GLN A 34 -1.42 29.60 -9.07
CA GLN A 34 -0.26 29.53 -9.98
C GLN A 34 -0.39 28.34 -10.93
N ILE A 35 -0.67 27.16 -10.37
CA ILE A 35 -0.78 25.92 -11.13
C ILE A 35 -1.90 25.97 -12.19
N GLU A 36 -3.04 26.56 -11.84
CA GLU A 36 -4.17 26.67 -12.79
C GLU A 36 -3.86 27.46 -14.06
N GLU A 37 -2.92 28.40 -13.97
CA GLU A 37 -2.55 29.20 -15.13
C GLU A 37 -2.19 28.31 -16.33
N ASN A 38 -1.25 27.39 -16.15
CA ASN A 38 -0.84 26.53 -17.27
C ASN A 38 -1.83 25.40 -17.54
N LEU A 39 -2.59 24.98 -16.54
CA LEU A 39 -3.63 23.98 -16.77
C LEU A 39 -4.64 24.54 -17.78
N LEU A 40 -5.01 25.81 -17.62
CA LEU A 40 -5.92 26.47 -18.56
C LEU A 40 -5.33 26.52 -19.97
N VAL A 41 -4.05 26.86 -20.09
CA VAL A 41 -3.37 26.87 -21.40
C VAL A 41 -3.45 25.49 -22.05
N ARG A 42 -3.10 24.46 -21.29
CA ARG A 42 -3.17 23.09 -21.78
C ARG A 42 -4.56 22.66 -22.24
N VAL A 43 -5.57 22.97 -21.43
CA VAL A 43 -6.95 22.61 -21.76
C VAL A 43 -7.43 23.34 -23.01
N GLU A 44 -7.14 24.65 -23.10
CA GLU A 44 -7.51 25.43 -24.27
CA GLU A 44 -7.53 25.43 -24.27
C GLU A 44 -6.84 24.91 -25.53
N ALA A 45 -5.58 24.48 -25.40
CA ALA A 45 -4.85 23.88 -26.53
C ALA A 45 -5.52 22.56 -26.96
N LEU A 46 -5.82 21.71 -25.98
CA LEU A 46 -6.48 20.42 -26.26
C LEU A 46 -7.81 20.65 -26.96
N LYS A 47 -8.61 21.59 -26.46
CA LYS A 47 -9.92 21.91 -27.03
C LYS A 47 -9.81 22.47 -28.44
N ALA A 48 -8.85 23.37 -28.66
CA ALA A 48 -8.61 23.93 -29.99
C ALA A 48 -8.19 22.85 -30.97
N LYS A 49 -7.34 21.93 -30.51
CA LYS A 49 -6.84 20.84 -31.35
C LYS A 49 -7.89 19.76 -31.65
N THR A 50 -8.67 19.37 -30.64
CA THR A 50 -9.59 18.25 -30.77
C THR A 50 -11.06 18.63 -30.95
N GLY A 51 -11.41 19.85 -30.58
CA GLY A 51 -12.81 20.29 -30.58
C GLY A 51 -13.66 19.60 -29.52
N ARG A 52 -13.01 18.99 -28.52
CA ARG A 52 -13.70 18.25 -27.47
C ARG A 52 -13.34 18.83 -26.11
N THR A 53 -14.33 18.91 -25.22
CA THR A 53 -14.15 19.49 -23.89
C THR A 53 -13.87 18.40 -22.87
N PRO A 54 -12.76 18.51 -22.10
CA PRO A 54 -12.53 17.59 -21.00
C PRO A 54 -13.65 17.65 -19.95
N ILE A 55 -14.12 16.49 -19.50
CA ILE A 55 -15.19 16.40 -18.52
C ILE A 55 -14.78 15.54 -17.32
N LEU A 56 -14.95 16.11 -16.13
CA LEU A 56 -14.89 15.34 -14.89
C LEU A 56 -16.32 15.03 -14.47
N ALA A 57 -16.64 13.76 -14.28
CA ALA A 57 -17.93 13.38 -13.74
C ALA A 57 -17.82 13.38 -12.22
N THR A 58 -18.65 14.19 -11.56
CA THR A 58 -18.69 14.24 -10.10
C THR A 58 -19.93 13.48 -9.61
N ILE A 59 -19.74 12.57 -8.66
CA ILE A 59 -20.83 11.79 -8.09
C ILE A 59 -21.01 12.20 -6.63
N LEU A 60 -22.17 12.79 -6.34
CA LEU A 60 -22.56 13.19 -5.00
C LEU A 60 -23.73 12.32 -4.60
N VAL A 61 -23.53 11.48 -3.58
CA VAL A 61 -24.58 10.58 -3.10
C VAL A 61 -25.08 11.05 -1.73
N GLY A 62 -26.35 11.45 -1.66
CA GLY A 62 -26.96 11.84 -0.40
C GLY A 62 -26.83 13.31 -0.05
N ASP A 63 -27.07 13.63 1.23
CA ASP A 63 -27.33 15.00 1.67
C ASP A 63 -26.22 15.65 2.50
N ASP A 64 -25.04 15.06 2.53
CA ASP A 64 -23.93 15.66 3.29
C ASP A 64 -23.61 17.07 2.77
N GLY A 65 -23.81 18.08 3.61
CA GLY A 65 -23.60 19.47 3.23
C GLY A 65 -22.18 19.75 2.74
N ALA A 66 -21.19 19.30 3.50
CA ALA A 66 -19.79 19.48 3.14
C ALA A 66 -19.44 18.82 1.81
N SER A 67 -19.95 17.61 1.59
CA SER A 67 -19.75 16.91 0.31
C SER A 67 -20.25 17.75 -0.86
N ALA A 68 -21.47 18.26 -0.75
CA ALA A 68 -22.04 19.16 -1.76
C ALA A 68 -21.14 20.38 -1.99
N THR A 69 -20.67 21.00 -0.91
CA THR A 69 -19.79 22.16 -1.00
C THR A 69 -18.52 21.82 -1.78
N TYR A 70 -17.89 20.70 -1.42
CA TYR A 70 -16.65 20.33 -2.07
C TYR A 70 -16.83 19.92 -3.53
N VAL A 71 -17.95 19.26 -3.85
CA VAL A 71 -18.24 18.93 -5.24
C VAL A 71 -18.39 20.20 -6.09
N ARG A 72 -19.08 21.21 -5.57
CA ARG A 72 -19.23 22.48 -6.30
C ARG A 72 -17.89 23.17 -6.52
N MET A 73 -17.05 23.18 -5.49
CA MET A 73 -15.73 23.78 -5.57
C MET A 73 -14.91 23.11 -6.68
N LYS A 74 -15.05 21.79 -6.78
CA LYS A 74 -14.37 21.01 -7.82
C LYS A 74 -14.95 21.29 -9.20
N GLY A 75 -16.28 21.36 -9.31
CA GLY A 75 -16.92 21.79 -10.54
C GLY A 75 -16.44 23.17 -10.98
N ASN A 76 -16.39 24.10 -10.04
CA ASN A 76 -15.90 25.46 -10.30
C ASN A 76 -14.45 25.46 -10.79
N ALA A 77 -13.62 24.67 -10.12
CA ALA A 77 -12.21 24.54 -10.49
C ALA A 77 -12.05 24.00 -11.90
N CYS A 78 -12.86 23.00 -12.27
CA CYS A 78 -12.85 22.47 -13.64
C CYS A 78 -13.11 23.60 -14.64
N ARG A 79 -14.14 24.38 -14.37
CA ARG A 79 -14.55 25.47 -15.27
C ARG A 79 -13.50 26.58 -15.35
N ARG A 80 -12.80 26.86 -14.24
CA ARG A 80 -11.72 27.86 -14.23
C ARG A 80 -10.58 27.53 -15.21
N VAL A 81 -10.33 26.24 -15.43
CA VAL A 81 -9.29 25.82 -16.37
C VAL A 81 -9.86 25.35 -17.72
N GLY A 82 -11.08 25.76 -18.04
CA GLY A 82 -11.67 25.51 -19.36
C GLY A 82 -12.31 24.14 -19.55
N MET A 83 -12.39 23.35 -18.49
CA MET A 83 -13.08 22.06 -18.54
C MET A 83 -14.52 22.24 -18.05
N ASP A 84 -15.29 21.14 -18.09
CA ASP A 84 -16.65 21.12 -17.57
C ASP A 84 -16.81 19.92 -16.63
N SER A 85 -17.87 19.92 -15.84
CA SER A 85 -18.23 18.77 -15.04
C SER A 85 -19.50 18.12 -15.55
N LEU A 86 -19.68 16.84 -15.26
CA LEU A 86 -20.94 16.15 -15.43
C LEU A 86 -21.43 15.82 -14.03
N LYS A 87 -22.50 16.49 -13.63
CA LYS A 87 -22.96 16.44 -12.25
C LYS A 87 -23.91 15.27 -12.05
N ILE A 88 -23.42 14.22 -11.39
CA ILE A 88 -24.24 13.08 -11.00
C ILE A 88 -24.63 13.25 -9.53
N GLU A 89 -25.93 13.36 -9.28
CA GLU A 89 -26.47 13.48 -7.92
C GLU A 89 -27.44 12.36 -7.66
N LEU A 90 -27.16 11.55 -6.64
CA LEU A 90 -27.94 10.36 -6.32
C LEU A 90 -28.54 10.50 -4.91
N PRO A 91 -29.71 9.88 -4.67
CA PRO A 91 -30.36 10.05 -3.37
C PRO A 91 -29.64 9.39 -2.20
N GLN A 92 -29.99 9.82 -0.98
CA GLN A 92 -29.42 9.30 0.27
C GLN A 92 -29.49 7.77 0.38
N GLU A 93 -30.60 7.18 -0.07
CA GLU A 93 -30.86 5.75 0.10
CA GLU A 93 -30.85 5.75 0.11
C GLU A 93 -30.38 4.92 -1.09
N THR A 94 -29.49 5.48 -1.91
CA THR A 94 -28.88 4.75 -3.01
C THR A 94 -28.17 3.51 -2.46
N THR A 95 -28.29 2.40 -3.17
CA THR A 95 -27.64 1.14 -2.78
C THR A 95 -26.29 0.97 -3.48
N THR A 96 -25.52 0.00 -2.99
CA THR A 96 -24.23 -0.34 -3.59
C THR A 96 -24.39 -0.76 -5.05
N GLU A 97 -25.37 -1.60 -5.33
CA GLU A 97 -25.66 -2.06 -6.70
CA GLU A 97 -25.63 -2.05 -6.70
C GLU A 97 -25.94 -0.88 -7.63
N GLN A 98 -26.75 0.07 -7.15
CA GLN A 98 -27.14 1.24 -7.95
C GLN A 98 -25.93 2.13 -8.25
N LEU A 99 -25.12 2.41 -7.23
CA LEU A 99 -23.93 3.23 -7.40
C LEU A 99 -22.95 2.58 -8.37
N LEU A 100 -22.72 1.28 -8.19
CA LEU A 100 -21.87 0.52 -9.12
C LEU A 100 -22.35 0.66 -10.57
N ALA A 101 -23.66 0.48 -10.79
CA ALA A 101 -24.23 0.63 -12.13
C ALA A 101 -23.97 2.03 -12.71
N GLU A 102 -24.13 3.07 -11.89
CA GLU A 102 -23.85 4.45 -12.31
C GLU A 102 -22.39 4.65 -12.70
N ILE A 103 -21.48 4.06 -11.92
CA ILE A 103 -20.05 4.17 -12.21
C ILE A 103 -19.69 3.43 -13.50
N GLU A 104 -20.32 2.28 -13.74
CA GLU A 104 -20.07 1.54 -14.99
C GLU A 104 -20.60 2.32 -16.20
N LYS A 105 -21.72 3.02 -16.06
CA LYS A 105 -22.19 3.91 -17.12
C LYS A 105 -21.12 4.93 -17.47
N LEU A 106 -20.55 5.57 -16.44
CA LEU A 106 -19.53 6.60 -16.64
C LEU A 106 -18.22 6.02 -17.19
N ASN A 107 -17.85 4.82 -16.75
CA ASN A 107 -16.66 4.15 -17.29
C ASN A 107 -16.77 3.97 -18.79
N ALA A 108 -17.96 3.59 -19.25
CA ALA A 108 -18.22 3.34 -20.67
C ALA A 108 -18.66 4.60 -21.44
N ASN A 109 -18.60 5.76 -20.78
CA ASN A 109 -18.97 7.02 -21.42
C ASN A 109 -17.72 7.71 -21.99
N PRO A 110 -17.53 7.67 -23.33
CA PRO A 110 -16.30 8.25 -23.90
C PRO A 110 -16.19 9.76 -23.77
N ASP A 111 -17.27 10.42 -23.37
CA ASP A 111 -17.25 11.87 -23.15
C ASP A 111 -16.82 12.23 -21.72
N VAL A 112 -16.65 11.22 -20.88
CA VAL A 112 -16.20 11.41 -19.50
C VAL A 112 -14.76 10.94 -19.37
N HIS A 113 -13.90 11.80 -18.87
CA HIS A 113 -12.45 11.52 -18.82
C HIS A 113 -11.95 11.24 -17.43
N GLY A 114 -12.68 11.71 -16.42
CA GLY A 114 -12.36 11.40 -15.02
C GLY A 114 -13.62 11.20 -14.22
N ILE A 115 -13.53 10.38 -13.17
CA ILE A 115 -14.68 10.13 -12.29
C ILE A 115 -14.29 10.40 -10.84
N LEU A 116 -15.10 11.21 -10.17
CA LEU A 116 -14.96 11.49 -8.74
C LEU A 116 -16.16 10.93 -8.01
N LEU A 117 -15.92 10.11 -7.00
CA LEU A 117 -16.95 9.71 -6.06
C LEU A 117 -16.62 10.37 -4.72
N GLN A 118 -17.39 11.39 -4.37
CA GLN A 118 -17.15 12.15 -3.14
C GLN A 118 -17.42 11.30 -1.90
N HIS A 119 -16.42 11.21 -1.03
CA HIS A 119 -16.51 10.49 0.24
C HIS A 119 -16.87 11.46 1.32
N PRO A 120 -17.62 11.03 2.35
CA PRO A 120 -18.15 9.69 2.61
C PRO A 120 -19.55 9.49 2.03
N VAL A 121 -19.72 8.42 1.23
CA VAL A 121 -21.06 8.05 0.75
C VAL A 121 -21.93 7.57 1.93
N PRO A 122 -23.26 7.53 1.74
CA PRO A 122 -24.12 7.01 2.81
C PRO A 122 -23.66 5.64 3.31
N ALA A 123 -23.85 5.41 4.61
CA ALA A 123 -23.27 4.26 5.32
C ALA A 123 -23.62 2.89 4.72
N GLN A 124 -24.82 2.78 4.15
CA GLN A 124 -25.27 1.49 3.60
C GLN A 124 -24.50 1.07 2.35
N ILE A 125 -23.78 2.00 1.73
CA ILE A 125 -23.03 1.73 0.51
C ILE A 125 -21.64 1.21 0.84
N ASP A 126 -21.20 0.17 0.14
CA ASP A 126 -19.83 -0.32 0.23
C ASP A 126 -18.97 0.63 -0.60
N GLU A 127 -18.40 1.63 0.07
CA GLU A 127 -17.65 2.68 -0.62
C GLU A 127 -16.42 2.11 -1.34
N ARG A 128 -15.72 1.20 -0.66
CA ARG A 128 -14.52 0.57 -1.21
C ARG A 128 -14.85 -0.16 -2.53
N ALA A 129 -15.92 -0.94 -2.53
CA ALA A 129 -16.36 -1.60 -3.76
C ALA A 129 -16.62 -0.59 -4.88
N CYS A 130 -17.24 0.54 -4.52
CA CYS A 130 -17.57 1.55 -5.52
C CYS A 130 -16.35 2.32 -6.04
N PHE A 131 -15.43 2.70 -5.14
CA PHE A 131 -14.14 3.27 -5.54
C PHE A 131 -13.47 2.36 -6.57
N ASP A 132 -13.43 1.06 -6.26
CA ASP A 132 -12.72 0.09 -7.10
C ASP A 132 -13.41 -0.18 -8.44
N ALA A 133 -14.69 0.17 -8.58
CA ALA A 133 -15.39 0.05 -9.86
C ALA A 133 -14.97 1.13 -10.86
N ILE A 134 -14.39 2.23 -10.37
CA ILE A 134 -13.92 3.29 -11.27
C ILE A 134 -12.74 2.76 -12.09
N SER A 135 -12.78 2.96 -13.40
CA SER A 135 -11.70 2.50 -14.27
CA SER A 135 -11.70 2.49 -14.26
C SER A 135 -10.41 3.22 -13.91
N LEU A 136 -9.28 2.51 -13.95
CA LEU A 136 -8.00 3.11 -13.60
C LEU A 136 -7.76 4.38 -14.42
N ALA A 137 -8.07 4.32 -15.71
CA ALA A 137 -7.86 5.45 -16.62
C ALA A 137 -8.63 6.72 -16.22
N LYS A 138 -9.75 6.55 -15.51
CA LYS A 138 -10.57 7.68 -15.09
C LYS A 138 -10.48 7.92 -13.57
N ASP A 139 -9.58 7.21 -12.89
CA ASP A 139 -9.42 7.31 -11.44
C ASP A 139 -8.57 8.54 -11.07
N VAL A 140 -9.06 9.72 -11.44
CA VAL A 140 -8.33 10.98 -11.29
C VAL A 140 -8.31 11.49 -9.85
N ASP A 141 -9.17 10.93 -8.99
CA ASP A 141 -9.15 11.21 -7.55
C ASP A 141 -8.25 10.21 -6.80
N GLY A 142 -7.74 9.20 -7.50
CA GLY A 142 -6.81 8.22 -6.93
C GLY A 142 -7.35 7.38 -5.78
N VAL A 143 -8.54 6.80 -5.97
CA VAL A 143 -9.21 6.05 -4.91
C VAL A 143 -9.22 4.52 -5.06
N THR A 144 -8.79 4.00 -6.21
CA THR A 144 -8.84 2.54 -6.43
C THR A 144 -7.73 1.83 -5.67
N CYS A 145 -7.97 0.59 -5.28
CA CYS A 145 -6.90 -0.23 -4.70
C CYS A 145 -5.74 -0.36 -5.68
N LEU A 146 -6.05 -0.58 -6.96
CA LEU A 146 -5.02 -0.74 -7.99
C LEU A 146 -4.14 0.50 -8.10
N GLY A 147 -4.77 1.67 -8.15
CA GLY A 147 -4.05 2.93 -8.15
C GLY A 147 -3.14 3.08 -6.93
N PHE A 148 -3.65 2.69 -5.76
CA PHE A 148 -2.87 2.78 -4.52
C PHE A 148 -1.64 1.87 -4.52
N GLY A 149 -1.84 0.61 -4.93
CA GLY A 149 -0.75 -0.35 -5.02
C GLY A 149 0.29 0.05 -6.04
N ARG A 150 -0.17 0.53 -7.19
CA ARG A 150 0.75 1.00 -8.24
C ARG A 150 1.58 2.19 -7.74
N MET A 151 0.92 3.16 -7.11
CA MET A 151 1.62 4.29 -6.50
C MET A 151 2.64 3.80 -5.46
N ALA A 152 2.20 2.88 -4.60
CA ALA A 152 3.06 2.32 -3.54
C ALA A 152 4.29 1.59 -4.09
N MET A 153 4.14 0.95 -5.25
CA MET A 153 5.24 0.21 -5.88
C MET A 153 6.00 1.03 -6.92
N GLY A 154 5.66 2.30 -7.06
CA GLY A 154 6.40 3.22 -7.93
C GLY A 154 5.98 3.23 -9.40
N GLU A 155 4.86 2.58 -9.70
CA GLU A 155 4.31 2.62 -11.05
C GLU A 155 3.45 3.86 -11.22
N ALA A 156 3.42 4.37 -12.46
CA ALA A 156 2.69 5.59 -12.78
C ALA A 156 1.22 5.41 -12.46
N ALA A 157 0.65 6.38 -11.75
CA ALA A 157 -0.76 6.33 -11.36
C ALA A 157 -1.21 7.69 -10.82
N TYR A 158 -2.49 8.00 -11.03
CA TYR A 158 -3.10 9.18 -10.42
C TYR A 158 -3.11 8.93 -8.92
N GLY A 159 -2.54 9.87 -8.16
CA GLY A 159 -2.46 9.73 -6.71
C GLY A 159 -3.71 10.27 -6.04
N SER A 160 -3.97 9.81 -4.82
CA SER A 160 -5.08 10.35 -4.03
C SER A 160 -4.90 11.87 -3.91
N ALA A 161 -5.98 12.61 -4.12
CA ALA A 161 -5.90 14.05 -4.36
C ALA A 161 -5.19 14.82 -3.24
N THR A 162 -5.62 14.61 -2.00
CA THR A 162 -5.07 15.39 -0.88
C THR A 162 -3.58 15.06 -0.64
N PRO A 163 -3.22 13.78 -0.48
CA PRO A 163 -1.80 13.42 -0.30
C PRO A 163 -0.89 13.91 -1.42
N ALA A 164 -1.31 13.70 -2.66
CA ALA A 164 -0.54 14.16 -3.82
C ALA A 164 -0.41 15.67 -3.85
N GLY A 165 -1.48 16.36 -3.44
CA GLY A 165 -1.43 17.80 -3.27
C GLY A 165 -0.42 18.23 -2.21
N ILE A 166 -0.35 17.49 -1.11
CA ILE A 166 0.59 17.78 -0.03
C ILE A 166 2.04 17.59 -0.52
N MET A 167 2.29 16.54 -1.29
CA MET A 167 3.63 16.31 -1.84
C MET A 167 4.01 17.46 -2.77
N THR A 168 3.06 17.96 -3.54
CA THR A 168 3.31 19.10 -4.42
C THR A 168 3.67 20.36 -3.62
N ILE A 169 2.92 20.63 -2.56
CA ILE A 169 3.21 21.75 -1.65
C ILE A 169 4.63 21.66 -1.10
N LEU A 170 5.02 20.48 -0.64
CA LEU A 170 6.35 20.28 -0.08
C LEU A 170 7.43 20.48 -1.16
N LYS A 171 7.20 19.90 -2.33
CA LYS A 171 8.17 19.99 -3.42
C LYS A 171 8.33 21.44 -3.89
N GLU A 172 7.21 22.12 -4.13
CA GLU A 172 7.25 23.50 -4.60
C GLU A 172 7.91 24.45 -3.61
N ASN A 173 7.79 24.15 -2.32
CA ASN A 173 8.41 24.96 -1.28
C ASN A 173 9.79 24.45 -0.87
N ASN A 174 10.35 23.51 -1.64
CA ASN A 174 11.71 23.01 -1.43
C ASN A 174 11.91 22.40 -0.04
N ILE A 175 10.90 21.68 0.44
CA ILE A 175 10.98 21.01 1.75
C ILE A 175 11.75 19.70 1.63
N GLU A 176 12.77 19.55 2.47
CA GLU A 176 13.61 18.35 2.50
C GLU A 176 12.82 17.19 3.10
N ILE A 177 12.66 16.11 2.35
CA ILE A 177 11.89 14.95 2.81
C ILE A 177 12.79 13.73 3.06
N ALA A 178 13.66 13.43 2.11
CA ALA A 178 14.62 12.32 2.22
C ALA A 178 15.33 12.28 3.57
N GLY A 179 15.19 11.16 4.29
CA GLY A 179 15.88 10.94 5.55
C GLY A 179 15.20 11.53 6.78
N LYS A 180 14.14 12.32 6.58
CA LYS A 180 13.40 12.89 7.69
C LYS A 180 12.46 11.84 8.28
N HIS A 181 12.16 11.98 9.56
CA HIS A 181 11.17 11.14 10.23
C HIS A 181 9.82 11.77 10.07
N ALA A 182 9.03 11.22 9.15
CA ALA A 182 7.66 11.66 8.95
C ALA A 182 6.74 10.84 9.85
N VAL A 183 5.85 11.53 10.56
CA VAL A 183 4.77 10.87 11.28
C VAL A 183 3.44 11.30 10.67
N VAL A 184 2.66 10.31 10.24
CA VAL A 184 1.33 10.52 9.69
C VAL A 184 0.33 10.04 10.74
N VAL A 185 -0.50 10.95 11.23
CA VAL A 185 -1.52 10.60 12.21
C VAL A 185 -2.85 10.42 11.49
N GLY A 186 -3.30 9.18 11.42
CA GLY A 186 -4.45 8.81 10.60
C GLY A 186 -4.00 7.87 9.49
N ARG A 187 -4.87 6.94 9.12
CA ARG A 187 -4.54 5.91 8.14
C ARG A 187 -5.71 5.61 7.19
N SER A 188 -6.50 6.64 6.88
CA SER A 188 -7.68 6.46 6.03
C SER A 188 -7.29 6.11 4.60
N ALA A 189 -8.24 5.51 3.89
CA ALA A 189 -8.00 5.01 2.53
C ALA A 189 -7.60 6.10 1.54
N ILE A 190 -8.23 7.27 1.60
CA ILE A 190 -7.93 8.35 0.65
C ILE A 190 -6.94 9.40 1.17
N LEU A 191 -6.51 9.28 2.42
CA LEU A 191 -5.63 10.29 3.02
C LEU A 191 -4.41 9.69 3.71
N GLY A 192 -4.59 9.17 4.93
CA GLY A 192 -3.46 8.73 5.75
C GLY A 192 -2.56 7.68 5.10
N LYS A 193 -3.16 6.64 4.54
CA LYS A 193 -2.41 5.55 3.92
C LYS A 193 -1.64 5.97 2.68
N PRO A 194 -2.32 6.60 1.70
CA PRO A 194 -1.56 7.09 0.54
C PRO A 194 -0.51 8.13 0.91
N MET A 195 -0.83 9.02 1.86
CA MET A 195 0.14 9.99 2.39
C MET A 195 1.41 9.29 2.88
N ALA A 196 1.23 8.24 3.66
CA ALA A 196 2.35 7.46 4.19
C ALA A 196 3.24 6.87 3.08
N MET A 197 2.60 6.24 2.10
CA MET A 197 3.34 5.61 1.00
C MET A 197 4.03 6.65 0.12
N MET A 198 3.40 7.79 -0.10
CA MET A 198 4.00 8.87 -0.89
C MET A 198 5.23 9.44 -0.19
N LEU A 199 5.16 9.63 1.12
CA LEU A 199 6.30 10.10 1.90
C LEU A 199 7.41 9.05 1.89
N LEU A 200 7.04 7.78 1.99
CA LEU A 200 7.99 6.67 1.93
C LEU A 200 8.72 6.68 0.59
N GLN A 201 7.96 6.86 -0.49
CA GLN A 201 8.52 6.95 -1.85
C GLN A 201 9.51 8.12 -1.97
N ALA A 202 9.28 9.19 -1.21
CA ALA A 202 10.18 10.34 -1.15
C ALA A 202 11.31 10.17 -0.11
N ASN A 203 11.51 8.93 0.35
CA ASN A 203 12.61 8.56 1.23
C ASN A 203 12.58 9.12 2.65
N ALA A 204 11.40 9.52 3.11
CA ALA A 204 11.19 9.75 4.54
C ALA A 204 11.14 8.39 5.23
N THR A 205 11.58 8.35 6.48
CA THR A 205 11.25 7.24 7.37
C THR A 205 9.84 7.55 7.86
N VAL A 206 8.92 6.60 7.71
CA VAL A 206 7.50 6.89 7.93
C VAL A 206 6.90 6.11 9.08
N THR A 207 6.33 6.83 10.04
CA THR A 207 5.58 6.23 11.13
C THR A 207 4.10 6.56 10.92
N ILE A 208 3.27 5.52 10.93
CA ILE A 208 1.84 5.67 10.72
C ILE A 208 1.12 5.41 12.04
N CYS A 209 0.42 6.43 12.54
CA CYS A 209 -0.36 6.34 13.77
C CYS A 209 -1.86 6.34 13.50
N HIS A 210 -2.62 5.91 14.49
CA HIS A 210 -4.06 5.75 14.38
C HIS A 210 -4.67 5.68 15.76
N SER A 211 -5.96 5.37 15.85
CA SER A 211 -6.69 5.45 17.12
C SER A 211 -6.22 4.45 18.17
N ARG A 212 -5.47 3.43 17.75
CA ARG A 212 -4.90 2.45 18.67
C ARG A 212 -3.41 2.68 19.00
N THR A 213 -2.85 3.80 18.54
CA THR A 213 -1.49 4.20 18.92
C THR A 213 -1.48 4.61 20.39
N GLN A 214 -0.52 4.07 21.14
CA GLN A 214 -0.52 4.19 22.61
C GLN A 214 0.18 5.43 23.17
N ASN A 215 1.26 5.86 22.55
CA ASN A 215 1.97 7.06 23.02
C ASN A 215 2.10 8.05 21.87
N LEU A 216 0.95 8.52 21.39
CA LEU A 216 0.90 9.43 20.26
C LEU A 216 1.72 10.71 20.48
N PRO A 217 1.61 11.34 21.68
CA PRO A 217 2.40 12.55 21.92
C PRO A 217 3.90 12.32 21.80
N GLU A 218 4.38 11.21 22.36
CA GLU A 218 5.80 10.84 22.27
C GLU A 218 6.28 10.76 20.82
N LEU A 219 5.49 10.10 19.97
CA LEU A 219 5.88 9.90 18.57
C LEU A 219 5.81 11.19 17.76
N VAL A 220 4.77 11.98 17.99
CA VAL A 220 4.63 13.26 17.31
C VAL A 220 5.81 14.17 17.64
N LYS A 221 6.26 14.15 18.90
CA LYS A 221 7.40 14.96 19.34
C LYS A 221 8.71 14.64 18.60
N GLN A 222 8.83 13.43 18.05
CA GLN A 222 10.00 13.07 17.26
C GLN A 222 9.84 13.33 15.75
N ALA A 223 8.66 13.80 15.34
CA ALA A 223 8.35 14.00 13.93
C ALA A 223 9.04 15.23 13.33
N ASP A 224 9.88 15.01 12.31
CA ASP A 224 10.44 16.11 11.53
C ASP A 224 9.38 16.69 10.59
N ILE A 225 8.55 15.80 10.05
CA ILE A 225 7.37 16.19 9.28
C ILE A 225 6.16 15.54 9.93
N ILE A 226 5.17 16.35 10.29
CA ILE A 226 3.96 15.83 10.96
C ILE A 226 2.75 16.11 10.08
N VAL A 227 1.99 15.06 9.78
CA VAL A 227 0.78 15.19 8.98
C VAL A 227 -0.43 14.86 9.85
N GLY A 228 -1.29 15.85 10.05
CA GLY A 228 -2.51 15.67 10.83
C GLY A 228 -3.64 15.26 9.91
N ALA A 229 -4.09 14.01 10.04
CA ALA A 229 -5.12 13.46 9.17
C ALA A 229 -6.12 12.64 9.97
N VAL A 230 -6.61 13.21 11.06
CA VAL A 230 -7.47 12.49 12.00
C VAL A 230 -8.96 12.88 11.90
N GLY A 231 -9.26 14.02 11.31
CA GLY A 231 -10.64 14.51 11.25
C GLY A 231 -11.22 14.80 12.62
N LYS A 232 -10.41 15.42 13.49
CA LYS A 232 -10.85 15.85 14.81
C LYS A 232 -10.18 17.17 15.15
N ALA A 233 -10.99 18.17 15.49
CA ALA A 233 -10.54 19.55 15.65
C ALA A 233 -9.38 19.68 16.64
N GLU A 234 -8.22 20.10 16.13
CA GLU A 234 -7.06 20.41 16.95
C GLU A 234 -6.67 19.29 17.93
N LEU A 235 -6.84 18.04 17.50
CA LEU A 235 -6.42 16.90 18.34
C LEU A 235 -4.92 16.92 18.55
N ILE A 236 -4.17 17.16 17.50
CA ILE A 236 -2.72 17.23 17.60
C ILE A 236 -2.32 18.54 18.29
N GLN A 237 -1.72 18.41 19.47
CA GLN A 237 -1.41 19.56 20.30
C GLN A 237 -0.12 20.25 19.86
N LYS A 238 -0.10 21.58 20.00
CA LYS A 238 1.08 22.38 19.66
C LYS A 238 2.27 22.01 20.52
N ASP A 239 2.00 21.63 21.78
CA ASP A 239 3.05 21.17 22.70
C ASP A 239 3.76 19.89 22.23
N TRP A 240 3.16 19.15 21.29
CA TRP A 240 3.77 17.90 20.79
C TRP A 240 4.70 18.12 19.63
N ILE A 241 4.69 19.32 19.06
CA ILE A 241 5.42 19.57 17.81
C ILE A 241 6.90 19.87 18.05
N LYS A 242 7.75 19.20 17.29
CA LYS A 242 9.20 19.39 17.36
C LYS A 242 9.60 20.77 16.84
N GLN A 243 10.51 21.43 17.56
CA GLN A 243 11.02 22.72 17.12
C GLN A 243 11.70 22.54 15.76
N GLY A 244 11.23 23.27 14.76
CA GLY A 244 11.76 23.18 13.40
C GLY A 244 11.01 22.21 12.51
N ALA A 245 9.96 21.59 13.03
CA ALA A 245 9.16 20.64 12.27
C ALA A 245 8.45 21.29 11.09
N VAL A 246 8.21 20.50 10.06
CA VAL A 246 7.31 20.86 8.97
C VAL A 246 5.93 20.34 9.38
N VAL A 247 4.94 21.22 9.40
CA VAL A 247 3.61 20.89 9.92
C VAL A 247 2.57 20.96 8.84
N VAL A 248 1.95 19.81 8.56
CA VAL A 248 0.89 19.72 7.56
C VAL A 248 -0.41 19.33 8.24
N ASP A 249 -1.39 20.22 8.12
CA ASP A 249 -2.70 20.02 8.71
C ASP A 249 -3.70 19.81 7.58
N ALA A 250 -4.15 18.56 7.42
CA ALA A 250 -5.09 18.19 6.37
C ALA A 250 -6.54 18.16 6.85
N GLY A 251 -6.80 18.77 8.00
CA GLY A 251 -8.15 18.82 8.55
C GLY A 251 -8.83 20.16 8.27
N PHE A 252 -10.17 20.16 8.32
CA PHE A 252 -10.91 21.40 8.37
C PHE A 252 -12.23 21.24 9.12
N HIS A 253 -12.44 22.12 10.10
CA HIS A 253 -13.61 22.09 10.96
C HIS A 253 -14.12 23.51 11.12
N PRO A 254 -15.32 23.81 10.58
CA PRO A 254 -15.78 25.20 10.57
C PRO A 254 -16.10 25.75 11.97
N ARG A 255 -15.75 27.02 12.20
CA ARG A 255 -16.02 27.72 13.45
C ARG A 255 -16.40 29.18 13.14
N ASP A 256 -17.02 29.84 14.11
CA ASP A 256 -17.40 31.25 13.96
C ASP A 256 -16.18 32.13 13.65
N GLY A 257 -16.12 32.64 12.44
CA GLY A 257 -15.04 33.54 12.01
C GLY A 257 -13.68 32.86 11.92
N GLY A 258 -13.63 31.73 11.23
CA GLY A 258 -12.37 31.04 10.97
C GLY A 258 -12.32 29.61 11.49
N GLY A 259 -12.40 28.65 10.57
CA GLY A 259 -12.32 27.24 10.94
C GLY A 259 -10.93 26.81 11.40
N VAL A 260 -10.84 25.61 11.96
CA VAL A 260 -9.57 25.05 12.41
C VAL A 260 -9.38 23.65 11.82
N GLY A 261 -8.14 23.19 11.79
CA GLY A 261 -7.82 21.87 11.27
C GLY A 261 -7.64 20.84 12.37
N ASP A 262 -6.84 19.81 12.09
CA ASP A 262 -6.55 18.75 13.04
C ASP A 262 -5.42 19.08 14.02
N ILE A 263 -4.72 20.19 13.80
CA ILE A 263 -3.57 20.57 14.62
C ILE A 263 -3.79 21.96 15.22
N GLN A 264 -3.38 22.13 16.48
CA GLN A 264 -3.37 23.43 17.13
C GLN A 264 -2.33 24.30 16.44
N LEU A 265 -2.77 25.28 15.65
CA LEU A 265 -1.86 26.11 14.86
C LEU A 265 -1.66 27.54 15.40
N GLN A 266 -2.46 27.95 16.39
CA GLN A 266 -2.27 29.26 17.00
C GLN A 266 -0.91 29.30 17.70
N GLY A 267 0.00 30.11 17.17
CA GLY A 267 1.36 30.21 17.68
C GLY A 267 2.33 29.20 17.09
N ILE A 268 1.88 28.46 16.08
CA ILE A 268 2.73 27.45 15.41
C ILE A 268 3.94 28.10 14.73
N GLU A 269 3.83 29.37 14.36
CA GLU A 269 4.93 30.08 13.70
C GLU A 269 6.17 30.26 14.58
N GLU A 270 6.01 30.09 15.89
CA GLU A 270 7.13 30.11 16.84
C GLU A 270 7.89 28.78 16.91
N ILE A 271 7.31 27.73 16.34
CA ILE A 271 7.82 26.37 16.53
C ILE A 271 8.21 25.69 15.21
N ALA A 272 7.33 25.77 14.22
CA ALA A 272 7.53 25.10 12.94
C ALA A 272 8.49 25.88 12.04
N SER A 273 9.30 25.15 11.26
CA SER A 273 10.11 25.76 10.21
C SER A 273 9.21 26.12 9.03
N ALA A 274 8.15 25.34 8.84
CA ALA A 274 7.18 25.58 7.78
C ALA A 274 5.87 24.91 8.15
N TYR A 275 4.74 25.52 7.78
CA TYR A 275 3.43 24.95 8.11
C TYR A 275 2.36 25.33 7.10
N THR A 276 1.36 24.46 6.97
CA THR A 276 0.19 24.72 6.15
C THR A 276 -0.88 25.45 6.97
N PRO A 277 -1.30 26.65 6.53
CA PRO A 277 -2.40 27.30 7.23
C PRO A 277 -3.72 26.58 6.98
N VAL A 278 -4.64 26.72 7.92
CA VAL A 278 -6.01 26.25 7.76
C VAL A 278 -6.96 27.41 8.09
N PRO A 279 -7.76 27.87 7.11
CA PRO A 279 -7.87 27.43 5.71
C PRO A 279 -6.69 27.88 4.82
N GLY A 280 -6.76 27.55 3.53
CA GLY A 280 -5.82 28.07 2.54
C GLY A 280 -4.50 27.32 2.40
N GLY A 281 -4.45 26.11 2.95
CA GLY A 281 -3.23 25.29 2.87
C GLY A 281 -3.44 24.05 2.02
N VAL A 282 -3.79 22.95 2.67
CA VAL A 282 -4.00 21.68 1.99
C VAL A 282 -5.23 21.70 1.07
N GLY A 283 -6.31 22.31 1.54
CA GLY A 283 -7.58 22.34 0.82
C GLY A 283 -7.53 22.74 -0.64
N PRO A 284 -7.00 23.95 -0.92
CA PRO A 284 -6.89 24.40 -2.32
C PRO A 284 -6.12 23.41 -3.20
N MET A 285 -5.11 22.77 -2.63
CA MET A 285 -4.29 21.83 -3.39
C MET A 285 -4.92 20.46 -3.56
N THR A 286 -5.86 20.10 -2.69
CA THR A 286 -6.70 18.92 -2.90
C THR A 286 -7.45 19.07 -4.23
N ILE A 287 -8.10 20.22 -4.38
CA ILE A 287 -8.91 20.48 -5.58
C ILE A 287 -8.03 20.58 -6.82
N THR A 288 -6.92 21.31 -6.71
CA THR A 288 -6.00 21.48 -7.84
C THR A 288 -5.44 20.16 -8.34
N THR A 289 -5.11 19.25 -7.41
CA THR A 289 -4.57 17.95 -7.79
C THR A 289 -5.57 17.13 -8.61
N LEU A 290 -6.81 17.07 -8.15
CA LEU A 290 -7.89 16.41 -8.88
C LEU A 290 -8.03 16.96 -10.30
N ILE A 291 -8.05 18.28 -10.41
CA ILE A 291 -8.21 18.95 -11.69
C ILE A 291 -7.02 18.71 -12.60
N ARG A 292 -5.81 18.80 -12.06
CA ARG A 292 -4.60 18.51 -12.85
C ARG A 292 -4.67 17.10 -13.42
N GLN A 293 -4.99 16.14 -12.57
CA GLN A 293 -5.01 14.74 -12.99
C GLN A 293 -6.15 14.48 -13.97
N THR A 294 -7.23 15.26 -13.86
CA THR A 294 -8.27 15.24 -14.89
C THR A 294 -7.73 15.79 -16.22
N VAL A 295 -6.96 16.88 -16.17
CA VAL A 295 -6.37 17.44 -17.38
C VAL A 295 -5.49 16.38 -18.04
N GLU A 296 -4.69 15.70 -17.23
CA GLU A 296 -3.83 14.62 -17.71
C GLU A 296 -4.65 13.50 -18.38
N ALA A 297 -5.72 13.07 -17.71
CA ALA A 297 -6.59 12.03 -18.26
C ALA A 297 -7.21 12.43 -19.60
N ALA A 298 -7.68 13.68 -19.70
CA ALA A 298 -8.26 14.19 -20.94
C ALA A 298 -7.23 14.21 -22.07
N GLU A 299 -6.02 14.70 -21.76
CA GLU A 299 -4.93 14.78 -22.75
C GLU A 299 -4.60 13.40 -23.31
N LYS A 300 -4.55 12.40 -22.42
CA LYS A 300 -4.27 11.03 -22.81
C LYS A 300 -5.42 10.47 -23.66
N ALA A 301 -6.66 10.72 -23.23
CA ALA A 301 -7.84 10.19 -23.91
C ALA A 301 -8.10 10.84 -25.27
N LEU A 302 -7.86 12.15 -25.37
CA LEU A 302 -8.18 12.94 -26.56
C LEU A 302 -6.97 13.24 -27.44
N GLY A 303 -5.85 13.57 -26.81
CA GLY A 303 -4.67 14.07 -27.51
C GLY A 303 -3.86 12.97 -28.19
N MET B 22 13.72 -17.42 29.37
CA MET B 22 14.17 -17.43 27.95
C MET B 22 13.00 -17.12 27.00
N ALA B 23 13.32 -16.55 25.85
CA ALA B 23 12.32 -16.14 24.87
C ALA B 23 11.55 -17.34 24.32
N LEU B 24 10.30 -17.11 23.94
CA LEU B 24 9.52 -18.11 23.20
C LEU B 24 10.12 -18.29 21.80
N VAL B 25 10.45 -19.53 21.45
CA VAL B 25 10.87 -19.82 20.08
C VAL B 25 9.63 -19.86 19.19
N LEU B 26 9.54 -18.93 18.25
CA LEU B 26 8.46 -18.93 17.27
C LEU B 26 8.82 -19.96 16.20
N ASP B 27 8.24 -21.15 16.34
CA ASP B 27 8.66 -22.32 15.59
C ASP B 27 7.89 -22.44 14.26
N GLY B 28 8.40 -21.75 13.24
CA GLY B 28 7.77 -21.76 11.93
C GLY B 28 7.85 -23.10 11.24
N ARG B 29 8.92 -23.85 11.51
CA ARG B 29 9.10 -25.19 10.96
C ARG B 29 7.96 -26.10 11.42
N ALA B 30 7.72 -26.14 12.72
CA ALA B 30 6.63 -26.92 13.30
C ALA B 30 5.28 -26.49 12.73
N LEU B 31 5.03 -25.19 12.71
CA LEU B 31 3.75 -24.65 12.23
C LEU B 31 3.50 -25.01 10.76
N ALA B 32 4.55 -24.91 9.93
CA ALA B 32 4.46 -25.28 8.52
C ALA B 32 4.02 -26.74 8.36
N LYS B 33 4.67 -27.65 9.07
CA LYS B 33 4.32 -29.08 9.02
C LYS B 33 2.86 -29.29 9.42
N GLN B 34 2.45 -28.64 10.51
CA GLN B 34 1.08 -28.73 10.98
C GLN B 34 0.10 -28.28 9.91
N ILE B 35 0.36 -27.12 9.31
CA ILE B 35 -0.49 -26.59 8.25
C ILE B 35 -0.56 -27.55 7.06
N GLU B 36 0.59 -28.14 6.70
CA GLU B 36 0.64 -29.07 5.56
C GLU B 36 -0.19 -30.35 5.77
N GLU B 37 -0.31 -30.81 7.01
CA GLU B 37 -1.14 -31.98 7.29
C GLU B 37 -2.59 -31.70 6.91
N ASN B 38 -3.08 -30.51 7.24
CA ASN B 38 -4.43 -30.09 6.85
C ASN B 38 -4.56 -29.90 5.35
N LEU B 39 -3.56 -29.26 4.73
CA LEU B 39 -3.58 -29.07 3.28
C LEU B 39 -3.68 -30.41 2.56
N LEU B 40 -2.94 -31.41 3.04
CA LEU B 40 -2.90 -32.72 2.39
C LEU B 40 -4.29 -33.34 2.30
N VAL B 41 -4.98 -33.43 3.43
CA VAL B 41 -6.33 -34.03 3.43
C VAL B 41 -7.28 -33.22 2.54
N ARG B 42 -7.14 -31.90 2.54
CA ARG B 42 -7.96 -31.04 1.69
C ARG B 42 -7.70 -31.30 0.20
N VAL B 43 -6.43 -31.41 -0.18
CA VAL B 43 -6.08 -31.69 -1.56
C VAL B 43 -6.60 -33.06 -2.01
N GLU B 44 -6.41 -34.09 -1.17
CA GLU B 44 -6.88 -35.44 -1.49
CA GLU B 44 -6.87 -35.44 -1.51
C GLU B 44 -8.40 -35.47 -1.66
N ALA B 45 -9.11 -34.76 -0.80
CA ALA B 45 -10.56 -34.66 -0.91
C ALA B 45 -10.95 -34.00 -2.23
N LEU B 46 -10.23 -32.93 -2.61
CA LEU B 46 -10.49 -32.20 -3.85
C LEU B 46 -10.25 -33.07 -5.08
N LYS B 47 -9.13 -33.80 -5.07
CA LYS B 47 -8.80 -34.72 -6.17
C LYS B 47 -9.84 -35.84 -6.27
N ALA B 48 -10.28 -36.36 -5.13
CA ALA B 48 -11.26 -37.45 -5.13
C ALA B 48 -12.63 -37.02 -5.70
N LYS B 49 -13.01 -35.77 -5.40
CA LYS B 49 -14.29 -35.22 -5.85
C LYS B 49 -14.27 -34.78 -7.32
N THR B 50 -13.17 -34.14 -7.74
CA THR B 50 -13.09 -33.55 -9.08
C THR B 50 -12.25 -34.35 -10.07
N GLY B 51 -11.39 -35.23 -9.57
CA GLY B 51 -10.45 -35.96 -10.42
C GLY B 51 -9.26 -35.13 -10.88
N ARG B 52 -9.18 -33.88 -10.44
CA ARG B 52 -8.13 -32.95 -10.90
CA ARG B 52 -8.12 -32.98 -10.90
C ARG B 52 -7.20 -32.57 -9.77
N THR B 53 -5.93 -32.34 -10.12
CA THR B 53 -4.88 -32.00 -9.17
C THR B 53 -4.62 -30.51 -9.18
N PRO B 54 -4.54 -29.88 -7.99
CA PRO B 54 -4.11 -28.49 -7.93
C PRO B 54 -2.71 -28.30 -8.51
N ILE B 55 -2.48 -27.20 -9.22
CA ILE B 55 -1.20 -26.94 -9.86
C ILE B 55 -0.70 -25.53 -9.60
N LEU B 56 0.51 -25.46 -9.05
CA LEU B 56 1.27 -24.22 -8.99
C LEU B 56 2.21 -24.20 -10.19
N ALA B 57 2.13 -23.14 -11.00
CA ALA B 57 3.15 -22.91 -12.03
C ALA B 57 4.29 -22.16 -11.37
N THR B 58 5.50 -22.69 -11.47
CA THR B 58 6.67 -22.03 -10.92
C THR B 58 7.50 -21.54 -12.09
N ILE B 59 7.76 -20.24 -12.14
CA ILE B 59 8.59 -19.66 -13.20
C ILE B 59 9.95 -19.31 -12.64
N LEU B 60 10.98 -19.94 -13.18
CA LEU B 60 12.37 -19.69 -12.81
C LEU B 60 13.12 -19.17 -14.02
N VAL B 61 13.63 -17.93 -13.93
CA VAL B 61 14.27 -17.27 -15.05
C VAL B 61 15.75 -17.07 -14.75
N GLY B 62 16.61 -17.70 -15.52
CA GLY B 62 18.05 -17.61 -15.29
C GLY B 62 18.57 -18.68 -14.35
N ASP B 63 19.82 -18.50 -13.92
CA ASP B 63 20.57 -19.56 -13.23
CA ASP B 63 20.60 -19.55 -13.24
C ASP B 63 20.88 -19.25 -11.76
N ASP B 64 20.19 -18.28 -11.18
CA ASP B 64 20.47 -17.93 -9.77
C ASP B 64 20.30 -19.16 -8.86
N GLY B 65 21.32 -19.43 -8.05
CA GLY B 65 21.35 -20.64 -7.21
C GLY B 65 20.27 -20.67 -6.15
N ALA B 66 20.11 -19.58 -5.40
CA ALA B 66 19.10 -19.50 -4.35
C ALA B 66 17.69 -19.61 -4.93
N SER B 67 17.45 -18.93 -6.05
CA SER B 67 16.18 -19.06 -6.77
C SER B 67 15.87 -20.51 -7.13
N ALA B 68 16.86 -21.22 -7.66
CA ALA B 68 16.70 -22.64 -8.00
C ALA B 68 16.29 -23.44 -6.77
N THR B 69 16.97 -23.18 -5.65
CA THR B 69 16.74 -23.89 -4.40
C THR B 69 15.31 -23.65 -3.88
N TYR B 70 14.85 -22.41 -3.90
CA TYR B 70 13.55 -22.08 -3.35
C TYR B 70 12.41 -22.62 -4.22
N VAL B 71 12.59 -22.58 -5.54
CA VAL B 71 11.62 -23.22 -6.45
C VAL B 71 11.60 -24.73 -6.21
N ARG B 72 12.78 -25.33 -5.98
CA ARG B 72 12.88 -26.76 -5.69
C ARG B 72 12.10 -27.09 -4.42
N MET B 73 12.29 -26.27 -3.38
CA MET B 73 11.61 -26.47 -2.11
C MET B 73 10.10 -26.28 -2.24
N LYS B 74 9.69 -25.34 -3.08
CA LYS B 74 8.27 -25.08 -3.29
C LYS B 74 7.62 -26.23 -4.08
N GLY B 75 8.33 -26.77 -5.07
CA GLY B 75 7.91 -27.98 -5.76
C GLY B 75 7.75 -29.17 -4.81
N ASN B 76 8.69 -29.32 -3.89
CA ASN B 76 8.60 -30.37 -2.88
C ASN B 76 7.36 -30.17 -1.99
N ALA B 77 7.15 -28.93 -1.55
CA ALA B 77 6.00 -28.60 -0.72
C ALA B 77 4.68 -28.94 -1.41
N CYS B 78 4.57 -28.62 -2.70
CA CYS B 78 3.42 -29.02 -3.51
C CYS B 78 3.13 -30.51 -3.38
N ARG B 79 4.15 -31.33 -3.61
CA ARG B 79 3.98 -32.77 -3.61
C ARG B 79 3.70 -33.34 -2.22
N ARG B 80 4.26 -32.72 -1.17
CA ARG B 80 3.96 -33.15 0.22
C ARG B 80 2.47 -33.04 0.55
N VAL B 81 1.78 -32.05 -0.02
CA VAL B 81 0.36 -31.85 0.27
C VAL B 81 -0.53 -32.43 -0.83
N GLY B 82 0.06 -33.27 -1.69
CA GLY B 82 -0.70 -34.02 -2.68
C GLY B 82 -0.98 -33.31 -4.00
N MET B 83 -0.41 -32.13 -4.20
CA MET B 83 -0.57 -31.43 -5.47
C MET B 83 0.72 -31.52 -6.30
N ASP B 84 0.81 -30.78 -7.39
CA ASP B 84 2.05 -30.76 -8.16
C ASP B 84 2.34 -29.37 -8.68
N SER B 85 3.48 -29.24 -9.35
CA SER B 85 3.87 -27.98 -9.94
C SER B 85 4.15 -28.16 -11.42
N LEU B 86 3.87 -27.10 -12.18
CA LEU B 86 4.27 -27.00 -13.57
C LEU B 86 5.53 -26.14 -13.59
N LYS B 87 6.67 -26.77 -13.82
CA LYS B 87 7.95 -26.08 -13.76
C LYS B 87 8.27 -25.39 -15.09
N ILE B 88 8.30 -24.06 -15.06
CA ILE B 88 8.67 -23.26 -16.21
C ILE B 88 10.08 -22.72 -15.98
N GLU B 89 11.03 -23.14 -16.82
CA GLU B 89 12.40 -22.68 -16.72
C GLU B 89 12.77 -21.91 -17.98
N LEU B 90 13.09 -20.62 -17.81
CA LEU B 90 13.42 -19.73 -18.92
C LEU B 90 14.86 -19.26 -18.82
N PRO B 91 15.51 -19.02 -19.97
CA PRO B 91 16.93 -18.64 -19.94
C PRO B 91 17.21 -17.25 -19.36
N GLN B 92 18.47 -17.02 -19.02
CA GLN B 92 18.88 -15.74 -18.43
CA GLN B 92 18.96 -15.75 -18.46
C GLN B 92 18.56 -14.55 -19.31
N GLU B 93 18.65 -14.71 -20.62
CA GLU B 93 18.43 -13.59 -21.56
C GLU B 93 16.96 -13.32 -21.91
N THR B 94 16.04 -13.99 -21.22
CA THR B 94 14.60 -13.76 -21.45
C THR B 94 14.26 -12.27 -21.37
N THR B 95 13.45 -11.81 -22.32
CA THR B 95 13.00 -10.41 -22.37
C THR B 95 11.71 -10.25 -21.56
N THR B 96 11.43 -9.02 -21.14
CA THR B 96 10.17 -8.70 -20.47
C THR B 96 8.98 -9.20 -21.29
N GLU B 97 9.05 -9.00 -22.61
CA GLU B 97 7.96 -9.39 -23.51
C GLU B 97 7.78 -10.90 -23.54
N GLN B 98 8.89 -11.63 -23.60
CA GLN B 98 8.86 -13.08 -23.56
C GLN B 98 8.25 -13.60 -22.27
N LEU B 99 8.64 -13.03 -21.15
CA LEU B 99 8.13 -13.46 -19.84
C LEU B 99 6.64 -13.13 -19.71
N LEU B 100 6.25 -11.95 -20.20
CA LEU B 100 4.83 -11.56 -20.20
C LEU B 100 3.98 -12.57 -21.01
N ALA B 101 4.48 -12.96 -22.18
CA ALA B 101 3.81 -13.98 -22.99
C ALA B 101 3.64 -15.31 -22.24
N GLU B 102 4.68 -15.74 -21.53
CA GLU B 102 4.63 -16.99 -20.75
C GLU B 102 3.59 -16.90 -19.63
N ILE B 103 3.56 -15.77 -18.93
CA ILE B 103 2.61 -15.54 -17.85
C ILE B 103 1.17 -15.54 -18.35
N GLU B 104 0.94 -14.96 -19.53
CA GLU B 104 -0.41 -14.94 -20.12
C GLU B 104 -0.87 -16.34 -20.54
N LYS B 105 0.08 -17.17 -20.98
CA LYS B 105 -0.24 -18.58 -21.28
C LYS B 105 -0.74 -19.26 -20.00
N LEU B 106 -0.05 -19.03 -18.89
CA LEU B 106 -0.45 -19.63 -17.61
C LEU B 106 -1.77 -19.06 -17.10
N ASN B 107 -1.99 -17.75 -17.29
CA ASN B 107 -3.28 -17.14 -16.92
C ASN B 107 -4.45 -17.81 -17.63
N ALA B 108 -4.26 -18.14 -18.91
CA ALA B 108 -5.32 -18.70 -19.75
C ALA B 108 -5.49 -20.21 -19.60
N ASN B 109 -4.56 -20.85 -18.91
CA ASN B 109 -4.60 -22.29 -18.69
C ASN B 109 -5.48 -22.62 -17.49
N PRO B 110 -6.68 -23.20 -17.73
CA PRO B 110 -7.54 -23.47 -16.57
C PRO B 110 -6.99 -24.54 -15.63
N ASP B 111 -6.02 -25.33 -16.08
CA ASP B 111 -5.41 -26.34 -15.22
C ASP B 111 -4.41 -25.76 -14.22
N VAL B 112 -3.95 -24.53 -14.44
CA VAL B 112 -3.01 -23.86 -13.56
C VAL B 112 -3.75 -22.94 -12.57
N HIS B 113 -3.57 -23.19 -11.27
CA HIS B 113 -4.34 -22.48 -10.25
C HIS B 113 -3.59 -21.35 -9.62
N GLY B 114 -2.28 -21.45 -9.57
CA GLY B 114 -1.43 -20.39 -9.04
C GLY B 114 -0.21 -20.20 -9.91
N ILE B 115 0.33 -18.98 -9.93
CA ILE B 115 1.55 -18.68 -10.67
C ILE B 115 2.58 -18.02 -9.75
N LEU B 116 3.75 -18.63 -9.67
CA LEU B 116 4.90 -18.06 -8.98
C LEU B 116 5.93 -17.56 -10.00
N LEU B 117 6.35 -16.31 -9.88
CA LEU B 117 7.53 -15.79 -10.57
C LEU B 117 8.60 -15.55 -9.52
N GLN B 118 9.58 -16.44 -9.45
CA GLN B 118 10.63 -16.35 -8.45
C GLN B 118 11.50 -15.12 -8.67
N HIS B 119 11.61 -14.30 -7.61
CA HIS B 119 12.37 -13.05 -7.63
C HIS B 119 13.71 -13.28 -6.98
N PRO B 120 14.76 -12.59 -7.46
CA PRO B 120 14.79 -11.58 -8.50
C PRO B 120 15.06 -12.17 -9.87
N VAL B 121 14.23 -11.81 -10.87
CA VAL B 121 14.47 -12.21 -12.26
C VAL B 121 15.67 -11.45 -12.82
N PRO B 122 16.24 -11.92 -13.96
CA PRO B 122 17.35 -11.17 -14.56
C PRO B 122 17.02 -9.69 -14.73
N ALA B 123 18.00 -8.82 -14.46
CA ALA B 123 17.74 -7.39 -14.26
C ALA B 123 17.29 -6.62 -15.51
N GLN B 124 17.45 -7.21 -16.69
CA GLN B 124 16.95 -6.58 -17.93
C GLN B 124 15.43 -6.69 -18.05
N ILE B 125 14.81 -7.50 -17.20
CA ILE B 125 13.38 -7.73 -17.22
C ILE B 125 12.70 -6.74 -16.27
N ASP B 126 11.60 -6.14 -16.73
CA ASP B 126 10.76 -5.31 -15.89
C ASP B 126 9.97 -6.25 -15.00
N GLU B 127 10.50 -6.55 -13.82
CA GLU B 127 9.89 -7.54 -12.92
C GLU B 127 8.50 -7.12 -12.47
N ARG B 128 8.36 -5.83 -12.14
CA ARG B 128 7.07 -5.26 -11.72
C ARG B 128 5.99 -5.50 -12.78
N ALA B 129 6.30 -5.21 -14.04
CA ALA B 129 5.35 -5.45 -15.13
C ALA B 129 4.93 -6.92 -15.20
N CYS B 130 5.88 -7.82 -15.00
CA CYS B 130 5.60 -9.25 -15.08
C CYS B 130 4.80 -9.75 -13.87
N PHE B 131 5.12 -9.26 -12.67
CA PHE B 131 4.30 -9.52 -11.48
C PHE B 131 2.83 -9.14 -11.74
N ASP B 132 2.64 -7.91 -12.22
CA ASP B 132 1.31 -7.35 -12.41
C ASP B 132 0.54 -8.05 -13.56
N ALA B 133 1.25 -8.75 -14.45
CA ALA B 133 0.62 -9.56 -15.49
C ALA B 133 -0.10 -10.79 -14.93
N ILE B 134 0.30 -11.24 -13.73
CA ILE B 134 -0.34 -12.41 -13.11
C ILE B 134 -1.78 -12.07 -12.72
N SER B 135 -2.74 -12.87 -13.18
CA SER B 135 -4.15 -12.65 -12.85
CA SER B 135 -4.14 -12.63 -12.85
C SER B 135 -4.33 -12.70 -11.34
N LEU B 136 -5.22 -11.87 -10.81
CA LEU B 136 -5.44 -11.79 -9.37
C LEU B 136 -5.81 -13.15 -8.78
N ALA B 137 -6.63 -13.90 -9.51
CA ALA B 137 -7.11 -15.21 -9.06
C ALA B 137 -5.97 -16.22 -8.89
N LYS B 138 -4.87 -16.01 -9.62
CA LYS B 138 -3.70 -16.89 -9.57
C LYS B 138 -2.49 -16.25 -8.87
N ASP B 139 -2.70 -15.09 -8.24
CA ASP B 139 -1.62 -14.36 -7.56
C ASP B 139 -1.40 -14.91 -6.16
N VAL B 140 -1.06 -16.19 -6.10
CA VAL B 140 -0.98 -16.93 -4.85
C VAL B 140 0.27 -16.58 -4.03
N ASP B 141 1.25 -15.95 -4.67
CA ASP B 141 2.45 -15.43 -4.03
C ASP B 141 2.26 -13.96 -3.59
N GLY B 142 1.15 -13.35 -4.02
CA GLY B 142 0.79 -11.99 -3.58
C GLY B 142 1.76 -10.93 -4.03
N VAL B 143 2.08 -10.92 -5.32
CA VAL B 143 3.05 -9.98 -5.89
C VAL B 143 2.44 -8.86 -6.74
N THR B 144 1.14 -8.92 -7.02
CA THR B 144 0.50 -7.89 -7.86
C THR B 144 0.28 -6.60 -7.08
N CYS B 145 0.40 -5.47 -7.78
CA CYS B 145 -0.01 -4.18 -7.22
C CYS B 145 -1.46 -4.22 -6.77
N LEU B 146 -2.31 -4.84 -7.60
CA LEU B 146 -3.73 -4.98 -7.26
C LEU B 146 -3.93 -5.73 -5.95
N GLY B 147 -3.27 -6.88 -5.82
CA GLY B 147 -3.31 -7.67 -4.59
C GLY B 147 -2.79 -6.92 -3.37
N PHE B 148 -1.70 -6.19 -3.54
CA PHE B 148 -1.13 -5.38 -2.48
C PHE B 148 -2.12 -4.31 -2.01
N GLY B 149 -2.66 -3.56 -2.97
CA GLY B 149 -3.59 -2.49 -2.68
C GLY B 149 -4.86 -2.97 -2.00
N ARG B 150 -5.37 -4.11 -2.46
CA ARG B 150 -6.55 -4.71 -1.85
C ARG B 150 -6.28 -5.12 -0.40
N MET B 151 -5.15 -5.79 -0.19
CA MET B 151 -4.74 -6.19 1.16
C MET B 151 -4.57 -4.97 2.06
N ALA B 152 -3.94 -3.92 1.54
CA ALA B 152 -3.75 -2.69 2.32
C ALA B 152 -5.07 -2.01 2.71
N MET B 153 -6.09 -2.16 1.88
CA MET B 153 -7.40 -1.56 2.12
C MET B 153 -8.43 -2.53 2.70
N GLY B 154 -7.98 -3.71 3.12
CA GLY B 154 -8.83 -4.67 3.84
C GLY B 154 -9.69 -5.59 2.97
N GLU B 155 -9.51 -5.53 1.65
CA GLU B 155 -10.25 -6.39 0.72
C GLU B 155 -9.56 -7.74 0.56
N ALA B 156 -10.35 -8.76 0.21
CA ALA B 156 -9.84 -10.13 0.08
C ALA B 156 -8.80 -10.23 -1.03
N ALA B 157 -7.66 -10.84 -0.71
CA ALA B 157 -6.60 -11.08 -1.68
C ALA B 157 -5.54 -11.99 -1.08
N TYR B 158 -4.85 -12.76 -1.91
CA TYR B 158 -3.74 -13.58 -1.42
C TYR B 158 -2.60 -12.65 -1.01
N GLY B 159 -2.06 -12.87 0.18
CA GLY B 159 -1.03 -12.00 0.73
C GLY B 159 0.34 -12.40 0.22
N SER B 160 1.28 -11.46 0.26
CA SER B 160 2.67 -11.74 -0.11
C SER B 160 3.16 -12.86 0.81
N ALA B 161 3.76 -13.89 0.21
CA ALA B 161 4.04 -15.15 0.92
C ALA B 161 4.73 -15.01 2.28
N THR B 162 5.85 -14.29 2.32
CA THR B 162 6.63 -14.19 3.57
C THR B 162 5.93 -13.36 4.66
N PRO B 163 5.47 -12.14 4.31
CA PRO B 163 4.73 -11.35 5.31
C PRO B 163 3.51 -12.08 5.87
N ALA B 164 2.71 -12.70 5.00
CA ALA B 164 1.52 -13.43 5.45
C ALA B 164 1.92 -14.59 6.33
N GLY B 165 3.02 -15.25 5.97
CA GLY B 165 3.59 -16.30 6.81
C GLY B 165 3.96 -15.77 8.19
N ILE B 166 4.57 -14.58 8.23
CA ILE B 166 4.93 -13.95 9.49
C ILE B 166 3.70 -13.66 10.35
N MET B 167 2.65 -13.09 9.76
CA MET B 167 1.41 -12.82 10.49
C MET B 167 0.81 -14.09 11.08
N THR B 168 0.87 -15.18 10.31
CA THR B 168 0.39 -16.49 10.77
C THR B 168 1.19 -16.99 11.96
N ILE B 169 2.52 -16.86 11.89
CA ILE B 169 3.39 -17.23 13.01
C ILE B 169 2.99 -16.43 14.26
N LEU B 170 2.84 -15.13 14.11
CA LEU B 170 2.46 -14.26 15.23
C LEU B 170 1.09 -14.65 15.79
N LYS B 171 0.11 -14.82 14.91
CA LYS B 171 -1.26 -15.18 15.33
C LYS B 171 -1.28 -16.51 16.08
N GLU B 172 -0.65 -17.53 15.50
CA GLU B 172 -0.73 -18.87 16.08
C GLU B 172 0.15 -19.05 17.31
N ASN B 173 1.00 -18.06 17.60
CA ASN B 173 1.74 -18.01 18.87
C ASN B 173 1.16 -16.97 19.84
N ASN B 174 -0.06 -16.50 19.57
CA ASN B 174 -0.77 -15.58 20.48
C ASN B 174 0.00 -14.30 20.80
N ILE B 175 0.70 -13.77 19.81
CA ILE B 175 1.47 -12.53 19.97
C ILE B 175 0.55 -11.32 19.84
N GLU B 176 0.59 -10.44 20.84
CA GLU B 176 -0.14 -9.18 20.81
C GLU B 176 0.42 -8.26 19.72
N ILE B 177 -0.45 -7.76 18.87
CA ILE B 177 -0.05 -6.84 17.80
C ILE B 177 -0.75 -5.50 17.92
N ALA B 178 -2.06 -5.52 18.17
CA ALA B 178 -2.85 -4.29 18.31
C ALA B 178 -2.23 -3.37 19.37
N GLY B 179 -1.95 -2.12 18.97
CA GLY B 179 -1.41 -1.11 19.87
C GLY B 179 0.09 -1.17 20.08
N LYS B 180 0.76 -2.18 19.53
CA LYS B 180 2.20 -2.30 19.65
C LYS B 180 2.87 -1.48 18.56
N HIS B 181 4.11 -1.06 18.82
CA HIS B 181 4.91 -0.34 17.84
C HIS B 181 5.75 -1.34 17.09
N ALA B 182 5.37 -1.57 15.84
CA ALA B 182 6.10 -2.48 14.96
C ALA B 182 7.01 -1.67 14.06
N VAL B 183 8.30 -2.02 14.05
CA VAL B 183 9.28 -1.38 13.19
C VAL B 183 9.70 -2.39 12.11
N VAL B 184 9.41 -2.06 10.86
CA VAL B 184 9.83 -2.89 9.72
C VAL B 184 11.06 -2.26 9.09
N VAL B 185 12.18 -2.97 9.15
CA VAL B 185 13.43 -2.49 8.58
C VAL B 185 13.58 -3.11 7.19
N GLY B 186 13.35 -2.29 6.17
CA GLY B 186 13.32 -2.74 4.79
C GLY B 186 11.94 -2.46 4.21
N ARG B 187 11.90 -2.07 2.95
CA ARG B 187 10.65 -1.67 2.29
C ARG B 187 10.47 -2.31 0.90
N SER B 188 10.99 -3.53 0.73
CA SER B 188 10.90 -4.22 -0.56
C SER B 188 9.45 -4.51 -0.96
N ALA B 189 9.23 -4.69 -2.26
CA ALA B 189 7.89 -4.90 -2.80
C ALA B 189 7.21 -6.17 -2.30
N ILE B 190 7.98 -7.25 -2.13
CA ILE B 190 7.38 -8.52 -1.73
C ILE B 190 7.51 -8.82 -0.23
N LEU B 191 8.28 -8.01 0.49
CA LEU B 191 8.53 -8.27 1.89
C LEU B 191 8.18 -7.07 2.78
N GLY B 192 9.03 -6.03 2.77
CA GLY B 192 8.89 -4.92 3.72
C GLY B 192 7.57 -4.17 3.63
N LYS B 193 7.20 -3.75 2.42
CA LYS B 193 5.97 -2.96 2.23
C LYS B 193 4.71 -3.73 2.61
N PRO B 194 4.52 -4.96 2.08
CA PRO B 194 3.35 -5.74 2.51
C PRO B 194 3.34 -6.07 4.00
N MET B 195 4.52 -6.31 4.58
CA MET B 195 4.63 -6.58 6.01
C MET B 195 4.11 -5.40 6.83
N ALA B 196 4.54 -4.20 6.47
CA ALA B 196 4.10 -2.98 7.14
C ALA B 196 2.58 -2.81 7.08
N MET B 197 2.01 -2.98 5.89
CA MET B 197 0.57 -2.83 5.69
C MET B 197 -0.23 -3.91 6.41
N MET B 198 0.32 -5.13 6.51
CA MET B 198 -0.33 -6.21 7.26
C MET B 198 -0.34 -5.94 8.76
N LEU B 199 0.79 -5.44 9.29
CA LEU B 199 0.87 -5.06 10.70
C LEU B 199 -0.07 -3.89 11.02
N LEU B 200 -0.14 -2.93 10.10
CA LEU B 200 -1.05 -1.81 10.22
C LEU B 200 -2.51 -2.28 10.31
N GLN B 201 -2.90 -3.17 9.38
CA GLN B 201 -4.25 -3.76 9.37
CA GLN B 201 -4.25 -3.76 9.37
C GLN B 201 -4.55 -4.47 10.70
N ALA B 202 -3.50 -5.03 11.32
CA ALA B 202 -3.61 -5.68 12.63
C ALA B 202 -3.49 -4.68 13.81
N ASN B 203 -3.57 -3.38 13.50
CA ASN B 203 -3.61 -2.29 14.50
C ASN B 203 -2.31 -2.03 15.27
N ALA B 204 -1.18 -2.45 14.70
CA ALA B 204 0.10 -1.97 15.20
C ALA B 204 0.31 -0.54 14.72
N THR B 205 0.99 0.27 15.53
CA THR B 205 1.62 1.48 15.04
C THR B 205 2.82 1.00 14.24
N VAL B 206 3.00 1.50 13.02
CA VAL B 206 4.01 0.95 12.11
C VAL B 206 5.01 2.01 11.67
N THR B 207 6.29 1.71 11.86
CA THR B 207 7.37 2.55 11.33
C THR B 207 8.11 1.78 10.24
N ILE B 208 8.27 2.40 9.08
CA ILE B 208 8.95 1.78 7.95
C ILE B 208 10.31 2.46 7.75
N CYS B 209 11.38 1.66 7.86
CA CYS B 209 12.75 2.13 7.70
C CYS B 209 13.36 1.57 6.42
N HIS B 210 14.49 2.15 6.04
CA HIS B 210 15.18 1.81 4.80
C HIS B 210 16.58 2.38 4.81
N SER B 211 17.30 2.29 3.69
CA SER B 211 18.71 2.71 3.63
C SER B 211 18.97 4.20 3.89
N ARG B 212 17.94 5.04 3.72
CA ARG B 212 18.06 6.48 3.99
C ARG B 212 17.59 6.87 5.40
N THR B 213 17.24 5.88 6.22
CA THR B 213 16.76 6.12 7.58
C THR B 213 17.90 6.56 8.49
N GLN B 214 17.70 7.66 9.21
CA GLN B 214 18.67 8.17 10.17
C GLN B 214 18.25 7.72 11.56
N ASN B 215 19.20 7.58 12.48
CA ASN B 215 18.93 7.09 13.84
C ASN B 215 18.23 5.72 13.87
N LEU B 216 18.63 4.82 12.97
CA LEU B 216 18.03 3.49 12.91
C LEU B 216 18.13 2.72 14.23
N PRO B 217 19.30 2.78 14.91
CA PRO B 217 19.41 2.08 16.20
C PRO B 217 18.37 2.55 17.22
N GLU B 218 18.11 3.85 17.26
CA GLU B 218 17.11 4.41 18.19
C GLU B 218 15.68 3.98 17.81
N LEU B 219 15.36 4.01 16.52
CA LEU B 219 14.02 3.60 16.07
C LEU B 219 13.76 2.13 16.38
N VAL B 220 14.76 1.28 16.14
CA VAL B 220 14.68 -0.14 16.46
C VAL B 220 14.48 -0.38 17.96
N LYS B 221 15.17 0.41 18.78
CA LYS B 221 15.06 0.31 20.24
C LYS B 221 13.67 0.68 20.75
N GLN B 222 12.94 1.50 20.00
CA GLN B 222 11.56 1.85 20.36
C GLN B 222 10.55 0.75 19.98
N ALA B 223 10.98 -0.23 19.18
CA ALA B 223 10.07 -1.23 18.61
C ALA B 223 9.66 -2.30 19.63
N ASP B 224 8.36 -2.56 19.71
CA ASP B 224 7.81 -3.70 20.46
C ASP B 224 7.88 -4.95 19.61
N ILE B 225 7.72 -4.77 18.30
CA ILE B 225 7.88 -5.84 17.32
C ILE B 225 8.86 -5.35 16.26
N ILE B 226 9.88 -6.14 15.99
CA ILE B 226 10.91 -5.76 15.01
C ILE B 226 10.94 -6.81 13.91
N VAL B 227 10.88 -6.35 12.66
CA VAL B 227 10.99 -7.23 11.50
C VAL B 227 12.24 -6.84 10.71
N GLY B 228 13.23 -7.74 10.69
CA GLY B 228 14.43 -7.56 9.90
C GLY B 228 14.17 -8.02 8.48
N ALA B 229 14.18 -7.08 7.53
CA ALA B 229 13.91 -7.39 6.13
C ALA B 229 14.82 -6.58 5.20
N VAL B 230 16.12 -6.60 5.49
CA VAL B 230 17.10 -5.78 4.76
C VAL B 230 18.02 -6.56 3.82
N GLY B 231 18.02 -7.89 3.91
CA GLY B 231 18.87 -8.72 3.08
C GLY B 231 20.36 -8.47 3.29
N LYS B 232 20.74 -8.13 4.52
CA LYS B 232 22.16 -7.97 4.90
C LYS B 232 22.40 -8.67 6.24
N ALA B 233 23.44 -9.52 6.27
CA ALA B 233 23.69 -10.42 7.39
C ALA B 233 23.90 -9.70 8.72
N GLU B 234 23.03 -9.96 9.68
CA GLU B 234 23.14 -9.44 11.05
C GLU B 234 23.30 -7.92 11.11
N LEU B 235 22.62 -7.21 10.21
CA LEU B 235 22.67 -5.74 10.23
C LEU B 235 22.04 -5.22 11.52
N ILE B 236 20.86 -5.72 11.87
CA ILE B 236 20.20 -5.30 13.09
C ILE B 236 20.93 -5.86 14.30
N GLN B 237 21.54 -4.96 15.07
CA GLN B 237 22.40 -5.34 16.19
C GLN B 237 21.57 -5.71 17.41
N LYS B 238 22.03 -6.71 18.16
CA LYS B 238 21.28 -7.22 19.31
C LYS B 238 21.06 -6.15 20.37
N ASP B 239 22.03 -5.24 20.54
CA ASP B 239 21.90 -4.17 21.54
C ASP B 239 20.92 -3.06 21.12
N TRP B 240 20.41 -3.09 19.88
CA TRP B 240 19.34 -2.19 19.46
C TRP B 240 17.99 -2.69 19.85
N ILE B 241 17.89 -3.94 20.30
CA ILE B 241 16.59 -4.55 20.51
C ILE B 241 16.04 -4.19 21.89
N LYS B 242 14.77 -3.76 21.92
CA LYS B 242 14.08 -3.44 23.16
C LYS B 242 13.91 -4.70 24.00
N GLN B 243 14.19 -4.61 25.28
CA GLN B 243 14.04 -5.76 26.17
C GLN B 243 12.57 -6.18 26.18
N GLY B 244 12.30 -7.46 25.89
CA GLY B 244 10.93 -7.97 25.81
C GLY B 244 10.30 -7.90 24.42
N ALA B 245 11.04 -7.42 23.43
CA ALA B 245 10.49 -7.25 22.08
C ALA B 245 10.22 -8.60 21.42
N VAL B 246 9.32 -8.59 20.45
CA VAL B 246 9.09 -9.73 19.58
C VAL B 246 9.96 -9.52 18.34
N VAL B 247 10.84 -10.49 18.08
CA VAL B 247 11.89 -10.33 17.06
C VAL B 247 11.66 -11.28 15.89
N VAL B 248 11.37 -10.70 14.72
CA VAL B 248 11.14 -11.49 13.50
C VAL B 248 12.29 -11.23 12.53
N ASP B 249 13.02 -12.29 12.22
CA ASP B 249 14.16 -12.19 11.30
C ASP B 249 13.83 -12.91 9.99
N ALA B 250 13.53 -12.12 8.95
CA ALA B 250 13.14 -12.65 7.65
C ALA B 250 14.32 -12.86 6.68
N GLY B 251 15.54 -12.83 7.18
CA GLY B 251 16.72 -12.96 6.33
C GLY B 251 17.33 -14.36 6.36
N PHE B 252 18.16 -14.66 5.37
CA PHE B 252 19.00 -15.85 5.42
C PHE B 252 20.26 -15.68 4.58
N HIS B 253 21.39 -16.00 5.19
CA HIS B 253 22.70 -15.85 4.58
C HIS B 253 23.53 -17.05 4.97
N PRO B 254 23.87 -17.91 3.99
CA PRO B 254 24.59 -19.16 4.29
C PRO B 254 25.96 -18.94 4.92
N ARG B 255 26.34 -19.82 5.86
CA ARG B 255 27.65 -19.78 6.49
C ARG B 255 28.08 -21.15 6.98
N ASP B 256 29.39 -21.33 7.14
CA ASP B 256 29.96 -22.54 7.72
C ASP B 256 29.48 -22.71 9.16
N GLY B 257 28.80 -23.83 9.41
CA GLY B 257 28.34 -24.17 10.75
C GLY B 257 27.14 -23.37 11.22
N GLY B 258 26.23 -23.07 10.29
CA GLY B 258 24.97 -22.41 10.62
C GLY B 258 24.81 -21.06 9.93
N GLY B 259 23.76 -20.95 9.11
CA GLY B 259 23.44 -19.70 8.43
C GLY B 259 22.83 -18.69 9.40
N VAL B 260 22.88 -17.41 9.04
CA VAL B 260 22.34 -16.34 9.88
C VAL B 260 21.41 -15.45 9.06
N GLY B 261 20.53 -14.73 9.75
CA GLY B 261 19.58 -13.83 9.10
C GLY B 261 20.01 -12.38 9.14
N ASP B 262 19.03 -11.47 9.10
CA ASP B 262 19.26 -10.03 9.10
C ASP B 262 19.49 -9.43 10.51
N ILE B 263 19.32 -10.25 11.54
CA ILE B 263 19.40 -9.80 12.93
C ILE B 263 20.43 -10.62 13.71
N GLN B 264 21.19 -9.98 14.57
CA GLN B 264 22.06 -10.67 15.51
C GLN B 264 21.19 -11.41 16.52
N LEU B 265 21.09 -12.73 16.37
CA LEU B 265 20.22 -13.55 17.22
C LEU B 265 20.97 -14.35 18.28
N GLN B 266 22.30 -14.27 18.30
CA GLN B 266 23.06 -14.96 19.33
C GLN B 266 22.79 -14.30 20.68
N GLY B 267 22.31 -15.10 21.63
CA GLY B 267 21.89 -14.60 22.94
C GLY B 267 20.55 -13.89 22.92
N ILE B 268 19.78 -14.07 21.86
CA ILE B 268 18.47 -13.40 21.72
C ILE B 268 17.49 -13.86 22.79
N GLU B 269 17.66 -15.08 23.27
CA GLU B 269 16.77 -15.64 24.28
C GLU B 269 16.77 -14.87 25.61
N GLU B 270 17.85 -14.12 25.87
CA GLU B 270 17.95 -13.28 27.07
C GLU B 270 17.28 -11.92 26.87
N ILE B 271 17.00 -11.56 25.62
CA ILE B 271 16.59 -10.21 25.25
C ILE B 271 15.12 -10.13 24.82
N ALA B 272 14.71 -11.00 23.91
CA ALA B 272 13.36 -10.97 23.34
C ALA B 272 12.36 -11.72 24.23
N SER B 273 11.08 -11.39 24.07
CA SER B 273 9.99 -12.16 24.67
C SER B 273 9.69 -13.37 23.78
N ALA B 274 9.89 -13.18 22.48
CA ALA B 274 9.71 -14.24 21.50
C ALA B 274 10.54 -13.90 20.26
N TYR B 275 10.98 -14.91 19.53
CA TYR B 275 11.77 -14.67 18.33
C TYR B 275 11.65 -15.81 17.35
N THR B 276 11.81 -15.50 16.07
CA THR B 276 11.85 -16.49 15.01
C THR B 276 13.30 -16.94 14.81
N PRO B 277 13.58 -18.24 14.99
CA PRO B 277 14.95 -18.68 14.74
C PRO B 277 15.30 -18.65 13.27
N VAL B 278 16.60 -18.60 12.98
CA VAL B 278 17.12 -18.74 11.62
C VAL B 278 18.23 -19.78 11.64
N PRO B 279 18.08 -20.88 10.87
CA PRO B 279 16.96 -21.22 9.99
C PRO B 279 15.74 -21.71 10.75
N GLY B 280 14.68 -22.05 10.03
CA GLY B 280 13.52 -22.74 10.60
C GLY B 280 12.46 -21.86 11.24
N GLY B 281 12.46 -20.57 10.92
CA GLY B 281 11.46 -19.64 11.42
C GLY B 281 10.56 -19.15 10.31
N VAL B 282 10.89 -17.97 9.77
CA VAL B 282 10.13 -17.36 8.68
C VAL B 282 10.15 -18.21 7.39
N GLY B 283 11.29 -18.85 7.13
CA GLY B 283 11.52 -19.56 5.87
C GLY B 283 10.47 -20.62 5.52
N PRO B 284 10.28 -21.60 6.40
CA PRO B 284 9.28 -22.64 6.17
C PRO B 284 7.87 -22.09 5.97
N MET B 285 7.54 -21.00 6.66
CA MET B 285 6.22 -20.39 6.53
C MET B 285 6.05 -19.58 5.24
N THR B 286 7.15 -19.10 4.68
CA THR B 286 7.11 -18.52 3.33
C THR B 286 6.58 -19.56 2.34
N ILE B 287 7.23 -20.72 2.32
CA ILE B 287 6.90 -21.79 1.37
C ILE B 287 5.48 -22.32 1.59
N THR B 288 5.15 -22.60 2.85
CA THR B 288 3.84 -23.17 3.16
C THR B 288 2.70 -22.19 2.91
N THR B 289 2.92 -20.90 3.15
CA THR B 289 1.91 -19.88 2.82
C THR B 289 1.59 -19.88 1.33
N LEU B 290 2.62 -19.94 0.50
CA LEU B 290 2.43 -20.02 -0.95
C LEU B 290 1.57 -21.22 -1.33
N ILE B 291 1.91 -22.38 -0.78
CA ILE B 291 1.18 -23.62 -1.07
C ILE B 291 -0.26 -23.57 -0.55
N ARG B 292 -0.46 -23.04 0.66
CA ARG B 292 -1.82 -22.91 1.22
C ARG B 292 -2.71 -22.06 0.34
N GLN B 293 -2.18 -20.93 -0.12
CA GLN B 293 -2.94 -20.03 -0.98
C GLN B 293 -3.22 -20.67 -2.34
N THR B 294 -2.30 -21.51 -2.84
CA THR B 294 -2.53 -22.27 -4.06
C THR B 294 -3.64 -23.32 -3.89
N VAL B 295 -3.66 -23.98 -2.74
CA VAL B 295 -4.76 -24.90 -2.42
C VAL B 295 -6.10 -24.17 -2.38
N GLU B 296 -6.12 -23.01 -1.71
CA GLU B 296 -7.31 -22.16 -1.69
C GLU B 296 -7.78 -21.79 -3.10
N ALA B 297 -6.84 -21.41 -3.95
CA ALA B 297 -7.15 -21.05 -5.34
C ALA B 297 -7.74 -22.26 -6.09
N ALA B 298 -7.12 -23.42 -5.92
CA ALA B 298 -7.60 -24.66 -6.54
C ALA B 298 -9.00 -25.06 -6.04
N GLU B 299 -9.21 -24.94 -4.72
CA GLU B 299 -10.50 -25.24 -4.12
C GLU B 299 -11.60 -24.36 -4.70
N LYS B 300 -11.30 -23.07 -4.88
CA LYS B 300 -12.24 -22.12 -5.48
C LYS B 300 -12.48 -22.47 -6.95
N ALA B 301 -11.39 -22.63 -7.70
CA ALA B 301 -11.47 -22.90 -9.15
C ALA B 301 -12.20 -24.20 -9.47
N LEU B 302 -12.02 -25.22 -8.64
CA LEU B 302 -12.61 -26.54 -8.88
C LEU B 302 -13.94 -26.75 -8.14
N GLY B 303 -14.40 -25.73 -7.42
CA GLY B 303 -15.65 -25.81 -6.66
C GLY B 303 -16.83 -25.21 -7.42
#